data_4BGW
#
_entry.id   4BGW
#
_cell.length_a   101.240
_cell.length_b   101.240
_cell.length_c   451.320
_cell.angle_alpha   90.00
_cell.angle_beta   90.00
_cell.angle_gamma   120.00
#
_symmetry.space_group_name_H-M   'H 3 2'
#
loop_
_entity.id
_entity.type
_entity.pdbx_description
1 polymer HEMAGGLUTININ
2 polymer HEMAGGLUTININ
3 branched 2-acetamido-2-deoxy-beta-D-glucopyranose-(1-3)-2-acetamido-2-deoxy-beta-D-glucopyranose
4 branched 2-acetamido-2-deoxy-beta-D-glucopyranose-(1-4)-2-acetamido-2-deoxy-beta-D-glucopyranose
5 non-polymer 2-acetamido-2-deoxy-beta-D-glucopyranose
6 non-polymer '4-(2-HYDROXYETHYL)-1-PIPERAZINE ETHANESULFONIC ACID'
7 water water
#
loop_
_entity_poly.entity_id
_entity_poly.type
_entity_poly.pdbx_seq_one_letter_code
_entity_poly.pdbx_strand_id
1 'polypeptide(L)'
;DQICIGYHANNSTEQVDTIMEKNVTVTHAQDILEKTHNGKLCDLDGVKPLILRDCSVAGWLLGNPMCDEFINVPEWSYIV
EKANPVNDLCYPGDFNDYEELKHLLSRINHFEKIQIIPKSSWSSHEASLGVSSACPYQGKSSFFRNVVWLIKKNSTYPTI
KRSYNNTNQEDLLVLWGIHHPNDAAEQTKLYQNPTTYISVGTSTLNQRLVPRIATRSKVNGQSGRMEFFWTILKPNDAIN
FESNGNFIAPEYAYKIVKKGDSTIMKSELEYGNCNTKCQTPMGAINSSMPFHNIHPLTIGECPKYVKSNRLVLATGLRNS
PQRETR
;
A
2 'polypeptide(L)'
;GLFGAIAGFIEGGWQGMVDGWYGYHHSNEQGSGYAADKESTQKAIDGVTNKVNSIIDKMNTQFEAVGREFNNLERRIENL
NKKMEDGFLDVWTYNAELLVLMENERTLDFHDSNVKNLYDKVRLQLRDNAKELGNGCFEFYHKCDNECMESVRNGTYDYP
QYSEEA
;
B
#
loop_
_chem_comp.id
_chem_comp.type
_chem_comp.name
_chem_comp.formula
EPE non-polymer '4-(2-HYDROXYETHYL)-1-PIPERAZINE ETHANESULFONIC ACID' 'C8 H18 N2 O4 S'
NAG D-saccharide, beta linking 2-acetamido-2-deoxy-beta-D-glucopyranose 'C8 H15 N O6'
#
# COMPACT_ATOMS: atom_id res chain seq x y z
N ASP A 1 57.80 -18.09 19.34
CA ASP A 1 56.83 -16.97 19.44
C ASP A 1 56.26 -16.60 18.08
N GLN A 2 54.94 -16.35 18.04
CA GLN A 2 54.27 -15.93 16.82
C GLN A 2 53.11 -14.97 17.00
N ILE A 3 52.80 -14.28 15.92
CA ILE A 3 51.62 -13.44 15.82
C ILE A 3 50.91 -13.79 14.51
N CYS A 4 49.59 -13.94 14.59
CA CYS A 4 48.77 -14.37 13.48
C CYS A 4 47.72 -13.33 13.20
N ILE A 5 47.31 -13.23 11.94
CA ILE A 5 46.19 -12.39 11.58
C ILE A 5 44.99 -13.29 11.35
N GLY A 6 43.83 -12.86 11.83
CA GLY A 6 42.63 -13.69 11.73
C GLY A 6 41.39 -12.86 11.74
N TYR A 7 40.27 -13.54 11.76
CA TYR A 7 38.98 -12.91 11.62
C TYR A 7 37.96 -13.61 12.48
N HIS A 8 36.93 -12.85 12.81
CA HIS A 8 35.86 -13.27 13.69
C HIS A 8 35.08 -14.46 13.17
N ALA A 9 34.67 -15.32 14.08
CA ALA A 9 33.72 -16.36 13.77
C ALA A 9 32.77 -16.43 14.93
N ASN A 10 31.58 -16.97 14.72
CA ASN A 10 30.63 -17.10 15.79
C ASN A 10 29.68 -18.27 15.53
N ASN A 11 28.59 -18.36 16.28
CA ASN A 11 27.68 -19.49 16.19
C ASN A 11 26.48 -19.18 15.28
N SER A 12 26.57 -18.12 14.49
CA SER A 12 25.48 -17.70 13.60
C SER A 12 25.22 -18.78 12.57
N THR A 13 23.94 -18.97 12.26
CA THR A 13 23.50 -19.84 11.16
C THR A 13 22.75 -19.07 10.11
N GLU A 14 22.72 -17.74 10.24
CA GLU A 14 22.15 -16.88 9.19
C GLU A 14 22.87 -17.10 7.85
N GLN A 15 22.09 -17.06 6.77
CA GLN A 15 22.61 -17.29 5.44
C GLN A 15 22.19 -16.17 4.50
N VAL A 16 23.02 -15.91 3.49
CA VAL A 16 22.73 -14.92 2.48
C VAL A 16 23.06 -15.54 1.14
N ASP A 17 22.40 -15.06 0.11
CA ASP A 17 22.70 -15.48 -1.27
C ASP A 17 23.59 -14.47 -1.99
N THR A 18 24.40 -14.99 -2.91
CA THR A 18 25.19 -14.21 -3.87
C THR A 18 24.90 -14.74 -5.29
N ILE A 19 25.47 -14.09 -6.29
CA ILE A 19 25.32 -14.51 -7.71
C ILE A 19 25.88 -15.91 -7.92
N MET A 20 27.07 -16.14 -7.35
CA MET A 20 27.84 -17.35 -7.56
C MET A 20 27.61 -18.44 -6.53
N GLU A 21 26.99 -18.10 -5.40
CA GLU A 21 26.84 -19.05 -4.29
C GLU A 21 25.59 -18.76 -3.47
N LYS A 22 24.75 -19.78 -3.31
CA LYS A 22 23.53 -19.66 -2.54
C LYS A 22 23.77 -20.16 -1.12
N ASN A 23 23.01 -19.65 -0.16
CA ASN A 23 23.04 -20.18 1.21
C ASN A 23 24.41 -20.14 1.90
N VAL A 24 25.07 -19.00 1.86
CA VAL A 24 26.38 -18.78 2.48
C VAL A 24 26.21 -18.36 3.94
N THR A 25 26.79 -19.10 4.88
CA THR A 25 26.60 -18.79 6.29
C THR A 25 27.46 -17.62 6.69
N VAL A 26 26.85 -16.66 7.37
CA VAL A 26 27.55 -15.44 7.73
C VAL A 26 27.41 -15.17 9.20
N THR A 27 28.35 -14.40 9.72
CA THR A 27 28.44 -14.08 11.13
C THR A 27 27.39 -13.09 11.51
N HIS A 28 27.02 -12.22 10.55
CA HIS A 28 26.01 -11.20 10.76
C HIS A 28 25.27 -10.86 9.49
N ALA A 29 23.97 -10.59 9.65
CA ALA A 29 23.08 -10.36 8.50
C ALA A 29 21.96 -9.44 8.93
N GLN A 30 21.28 -8.86 7.95
CA GLN A 30 20.19 -7.92 8.21
C GLN A 30 19.05 -8.16 7.23
N ASP A 31 17.99 -8.77 7.74
CA ASP A 31 16.73 -8.91 7.01
C ASP A 31 16.15 -7.51 6.72
N ILE A 32 15.68 -7.30 5.49
CA ILE A 32 15.09 -5.99 5.09
C ILE A 32 13.67 -6.09 4.51
N LEU A 33 13.08 -7.28 4.59
CA LEU A 33 11.73 -7.56 4.07
C LEU A 33 10.77 -7.92 5.19
N GLU A 34 9.75 -7.09 5.38
CA GLU A 34 8.72 -7.38 6.36
C GLU A 34 7.76 -8.38 5.76
N LYS A 35 7.59 -9.52 6.44
CA LYS A 35 6.73 -10.61 5.93
C LYS A 35 5.44 -10.80 6.73
N THR A 36 5.31 -10.15 7.88
CA THR A 36 4.14 -10.31 8.73
C THR A 36 3.24 -9.09 8.78
N HIS A 37 1.97 -9.35 9.11
CA HIS A 37 0.95 -8.33 9.33
C HIS A 37 0.01 -8.85 10.43
N ASN A 38 -0.89 -8.00 10.94
CA ASN A 38 -1.76 -8.40 12.05
C ASN A 38 -3.13 -8.97 11.63
N GLY A 39 -3.36 -9.03 10.32
CA GLY A 39 -4.56 -9.69 9.77
C GLY A 39 -5.87 -8.96 9.98
N LYS A 40 -5.77 -7.67 10.32
CA LYS A 40 -6.93 -6.84 10.70
C LYS A 40 -7.00 -5.53 9.93
N LEU A 41 -8.20 -4.98 9.84
CA LEU A 41 -8.41 -3.64 9.33
C LEU A 41 -8.48 -2.68 10.52
N CYS A 42 -7.67 -1.62 10.47
CA CYS A 42 -7.45 -0.78 11.64
C CYS A 42 -7.66 0.69 11.31
N ASP A 43 -7.80 1.51 12.36
CA ASP A 43 -7.72 2.95 12.18
C ASP A 43 -6.36 3.29 11.56
N LEU A 44 -6.32 4.31 10.72
CA LEU A 44 -5.08 4.83 10.19
C LEU A 44 -4.73 6.09 11.00
N ASP A 45 -3.67 6.02 11.80
CA ASP A 45 -3.30 7.09 12.74
C ASP A 45 -4.51 7.70 13.45
N GLY A 46 -5.26 6.84 14.14
CA GLY A 46 -6.40 7.28 14.96
C GLY A 46 -7.69 7.53 14.21
N VAL A 47 -7.63 7.61 12.88
CA VAL A 47 -8.79 7.92 12.03
C VAL A 47 -9.38 6.63 11.43
N LYS A 48 -10.56 6.26 11.91
CA LYS A 48 -11.22 4.99 11.54
C LYS A 48 -11.65 4.95 10.08
N PRO A 49 -11.55 3.76 9.43
CA PRO A 49 -12.05 3.66 8.06
C PRO A 49 -13.56 3.64 7.98
N LEU A 50 -14.08 4.05 6.83
CA LEU A 50 -15.48 3.83 6.50
C LEU A 50 -15.61 2.40 6.02
N ILE A 51 -16.23 1.55 6.83
CA ILE A 51 -16.39 0.15 6.47
C ILE A 51 -17.82 -0.06 6.00
N LEU A 52 -18.00 -0.18 4.68
CA LEU A 52 -19.33 -0.26 4.08
C LEU A 52 -20.01 -1.60 4.32
N ARG A 53 -19.28 -2.58 4.86
CA ARG A 53 -19.88 -3.84 5.29
C ARG A 53 -20.58 -4.55 4.11
N ASP A 54 -21.89 -4.73 4.16
CA ASP A 54 -22.59 -5.36 3.04
C ASP A 54 -23.17 -4.37 2.02
N CYS A 55 -22.81 -3.09 2.12
CA CYS A 55 -23.31 -2.10 1.17
C CYS A 55 -22.23 -1.73 0.17
N SER A 56 -22.65 -1.38 -1.04
CA SER A 56 -21.77 -0.82 -2.03
C SER A 56 -21.70 0.69 -1.85
N VAL A 57 -20.79 1.32 -2.57
CA VAL A 57 -20.71 2.78 -2.57
C VAL A 57 -22.02 3.38 -3.09
N ALA A 58 -22.64 2.71 -4.06
CA ALA A 58 -23.88 3.18 -4.64
C ALA A 58 -25.03 3.06 -3.64
N GLY A 59 -25.13 1.91 -3.00
CA GLY A 59 -26.12 1.68 -1.96
C GLY A 59 -25.96 2.71 -0.87
N TRP A 60 -24.73 2.98 -0.49
CA TRP A 60 -24.45 4.00 0.50
C TRP A 60 -24.93 5.38 0.04
N LEU A 61 -24.43 5.83 -1.11
CA LEU A 61 -24.65 7.22 -1.54
C LEU A 61 -26.10 7.53 -1.93
N LEU A 62 -26.73 6.59 -2.63
CA LEU A 62 -28.14 6.72 -2.96
C LEU A 62 -29.04 6.56 -1.74
N GLY A 63 -28.57 5.87 -0.71
CA GLY A 63 -29.36 5.61 0.49
C GLY A 63 -30.28 4.41 0.36
N ASN A 64 -29.74 3.29 -0.09
CA ASN A 64 -30.43 2.00 -0.05
C ASN A 64 -30.87 1.75 1.40
N PRO A 65 -32.18 1.52 1.63
CA PRO A 65 -32.70 1.41 3.00
C PRO A 65 -32.10 0.29 3.87
N MET A 66 -31.30 -0.59 3.28
CA MET A 66 -30.51 -1.57 4.03
C MET A 66 -29.16 -0.99 4.48
N CYS A 67 -28.92 0.29 4.18
CA CYS A 67 -27.61 0.91 4.41
C CYS A 67 -27.74 2.12 5.31
N ASP A 68 -28.67 2.04 6.26
CA ASP A 68 -28.96 3.17 7.15
C ASP A 68 -27.76 3.46 8.02
N GLU A 69 -27.06 2.41 8.47
CA GLU A 69 -25.80 2.57 9.21
C GLU A 69 -24.90 3.68 8.64
N PHE A 70 -24.94 3.88 7.33
CA PHE A 70 -24.06 4.85 6.66
C PHE A 70 -24.79 6.14 6.26
N ILE A 71 -25.93 6.40 6.88
CA ILE A 71 -26.53 7.72 6.81
C ILE A 71 -25.61 8.62 7.64
N ASN A 72 -25.37 9.84 7.18
CA ASN A 72 -24.41 10.74 7.85
C ASN A 72 -23.18 10.09 8.53
N VAL A 73 -22.24 9.59 7.74
CA VAL A 73 -21.02 8.98 8.30
C VAL A 73 -19.97 10.03 8.61
N PRO A 74 -19.19 9.81 9.69
CA PRO A 74 -18.14 10.76 10.03
C PRO A 74 -16.94 10.64 9.10
N GLU A 75 -15.98 11.56 9.27
CA GLU A 75 -14.74 11.55 8.49
C GLU A 75 -14.08 10.16 8.50
N TRP A 76 -13.49 9.79 7.36
CA TRP A 76 -12.81 8.50 7.24
C TRP A 76 -11.38 8.63 6.71
N SER A 77 -10.54 7.65 7.04
CA SER A 77 -9.17 7.58 6.55
C SER A 77 -9.13 6.87 5.20
N TYR A 78 -9.87 5.78 5.10
CA TYR A 78 -10.03 5.05 3.86
C TYR A 78 -11.37 4.34 3.89
N ILE A 79 -11.82 3.88 2.73
CA ILE A 79 -13.08 3.18 2.61
C ILE A 79 -12.81 1.71 2.37
N VAL A 80 -13.65 0.84 2.90
CA VAL A 80 -13.52 -0.60 2.64
C VAL A 80 -14.82 -1.14 2.09
N GLU A 81 -14.75 -1.76 0.92
CA GLU A 81 -15.89 -2.34 0.23
C GLU A 81 -15.62 -3.81 -0.07
N LYS A 82 -16.62 -4.65 0.09
CA LYS A 82 -16.50 -6.06 -0.27
C LYS A 82 -16.45 -6.23 -1.80
N ALA A 83 -16.00 -7.41 -2.23
CA ALA A 83 -15.88 -7.70 -3.67
C ALA A 83 -17.26 -7.70 -4.36
N ASN A 84 -18.28 -8.26 -3.72
CA ASN A 84 -19.65 -8.24 -4.24
C ASN A 84 -20.68 -7.93 -3.19
N PRO A 85 -20.82 -6.64 -2.84
CA PRO A 85 -21.77 -6.27 -1.80
C PRO A 85 -23.20 -6.61 -2.19
N VAL A 86 -23.96 -7.24 -1.27
CA VAL A 86 -25.34 -7.64 -1.57
C VAL A 86 -26.32 -6.47 -1.65
N ASN A 87 -26.08 -5.43 -0.86
CA ASN A 87 -26.93 -4.25 -0.86
C ASN A 87 -26.36 -3.17 -1.76
N ASP A 88 -26.66 -3.30 -3.05
CA ASP A 88 -26.23 -2.33 -4.04
C ASP A 88 -27.49 -1.56 -4.44
N LEU A 89 -27.93 -1.75 -5.67
CA LEU A 89 -29.15 -1.13 -6.15
C LEU A 89 -30.30 -2.08 -5.91
N CYS A 90 -31.07 -1.78 -4.87
CA CYS A 90 -32.17 -2.62 -4.42
C CYS A 90 -33.25 -2.72 -5.51
N TYR A 91 -33.60 -1.59 -6.10
CA TYR A 91 -34.35 -1.57 -7.35
C TYR A 91 -33.32 -1.61 -8.48
N PRO A 92 -33.43 -2.58 -9.39
CA PRO A 92 -32.36 -2.78 -10.38
C PRO A 92 -32.15 -1.61 -11.34
N GLY A 93 -30.94 -1.53 -11.90
CA GLY A 93 -30.61 -0.46 -12.82
C GLY A 93 -29.13 -0.31 -13.11
N ASP A 94 -28.74 0.92 -13.41
CA ASP A 94 -27.34 1.28 -13.61
C ASP A 94 -27.04 2.55 -12.86
N PHE A 95 -25.79 2.71 -12.48
CA PHE A 95 -25.28 3.95 -11.91
C PHE A 95 -24.32 4.50 -12.96
N ASN A 96 -24.67 5.66 -13.51
CA ASN A 96 -23.90 6.23 -14.62
C ASN A 96 -22.55 6.80 -14.16
N ASP A 97 -21.49 6.50 -14.93
CA ASP A 97 -20.09 6.89 -14.61
C ASP A 97 -19.72 6.53 -13.17
N TYR A 98 -20.06 5.31 -12.78
CA TYR A 98 -19.91 4.87 -11.40
C TYR A 98 -18.43 4.81 -11.00
N GLU A 99 -17.60 4.35 -11.94
CA GLU A 99 -16.17 4.17 -11.68
C GLU A 99 -15.46 5.50 -11.57
N GLU A 100 -15.83 6.46 -12.41
CA GLU A 100 -15.33 7.83 -12.28
C GLU A 100 -15.73 8.48 -10.94
N LEU A 101 -16.90 8.15 -10.43
CA LEU A 101 -17.32 8.69 -9.13
C LEU A 101 -16.53 8.05 -8.00
N LYS A 102 -16.35 6.74 -8.09
CA LYS A 102 -15.52 6.02 -7.13
C LYS A 102 -14.13 6.63 -7.09
N HIS A 103 -13.57 6.93 -8.26
CA HIS A 103 -12.27 7.54 -8.33
C HIS A 103 -12.25 8.89 -7.62
N LEU A 104 -13.36 9.60 -7.69
CA LEU A 104 -13.48 10.88 -7.03
C LEU A 104 -13.41 10.75 -5.49
N LEU A 105 -13.98 9.67 -4.96
CA LEU A 105 -13.94 9.34 -3.52
C LEU A 105 -12.57 8.95 -3.00
N SER A 106 -11.66 8.63 -3.88
CA SER A 106 -10.28 8.31 -3.51
CA SER A 106 -10.31 8.30 -3.45
C SER A 106 -9.57 9.58 -3.06
N ARG A 107 -10.21 10.72 -3.27
CA ARG A 107 -9.66 12.04 -2.92
C ARG A 107 -10.56 12.78 -1.93
N ILE A 108 -11.46 12.05 -1.27
CA ILE A 108 -12.39 12.62 -0.30
C ILE A 108 -12.36 11.86 1.03
N ASN A 109 -12.21 12.59 2.13
CA ASN A 109 -12.24 12.00 3.47
C ASN A 109 -13.55 12.24 4.22
N HIS A 110 -14.35 13.22 3.76
CA HIS A 110 -15.59 13.54 4.46
C HIS A 110 -16.67 14.17 3.60
N PHE A 111 -17.88 13.62 3.73
CA PHE A 111 -19.10 14.23 3.20
C PHE A 111 -19.93 14.77 4.36
N GLU A 112 -20.71 15.80 4.08
CA GLU A 112 -21.69 16.32 5.03
C GLU A 112 -23.02 16.42 4.27
N LYS A 113 -23.91 15.47 4.51
CA LYS A 113 -25.16 15.38 3.75
C LYS A 113 -26.11 16.53 4.07
N ILE A 114 -26.65 17.18 3.04
CA ILE A 114 -27.66 18.22 3.26
C ILE A 114 -28.87 18.11 2.34
N GLN A 115 -29.99 18.65 2.82
CA GLN A 115 -31.26 18.63 2.12
C GLN A 115 -31.34 19.83 1.20
N ILE A 116 -31.42 19.59 -0.10
CA ILE A 116 -31.47 20.67 -1.08
C ILE A 116 -32.90 20.89 -1.62
N ILE A 117 -33.68 19.83 -1.75
CA ILE A 117 -35.07 19.92 -2.17
C ILE A 117 -35.93 19.13 -1.18
N PRO A 118 -36.66 19.84 -0.29
CA PRO A 118 -37.48 19.12 0.69
C PRO A 118 -38.54 18.24 0.05
N LYS A 119 -38.88 17.15 0.73
CA LYS A 119 -39.87 16.21 0.26
C LYS A 119 -41.27 16.82 0.35
N SER A 120 -41.49 17.63 1.39
CA SER A 120 -42.74 18.39 1.56
C SER A 120 -42.93 19.44 0.48
N SER A 121 -41.83 19.87 -0.13
CA SER A 121 -41.82 20.90 -1.17
C SER A 121 -42.62 20.54 -2.45
N TRP A 122 -42.98 19.27 -2.63
CA TRP A 122 -43.64 18.83 -3.86
C TRP A 122 -45.17 18.89 -3.77
N SER A 123 -45.70 20.11 -3.90
CA SER A 123 -47.13 20.38 -3.71
C SER A 123 -48.05 19.95 -4.86
N SER A 124 -47.48 19.66 -6.02
CA SER A 124 -48.27 19.29 -7.21
C SER A 124 -48.16 17.80 -7.61
N HIS A 125 -47.28 17.05 -6.95
CA HIS A 125 -47.05 15.64 -7.27
C HIS A 125 -47.08 14.80 -6.01
N GLU A 126 -47.28 13.49 -6.15
CA GLU A 126 -47.24 12.58 -4.99
C GLU A 126 -45.80 12.15 -4.73
N ALA A 127 -45.30 12.53 -3.55
CA ALA A 127 -43.89 12.38 -3.22
C ALA A 127 -43.62 11.22 -2.25
N SER A 128 -44.69 10.60 -1.75
CA SER A 128 -44.60 9.53 -0.73
C SER A 128 -45.16 8.18 -1.19
N LEU A 129 -45.37 8.01 -2.49
CA LEU A 129 -45.89 6.76 -3.04
C LEU A 129 -44.89 6.07 -3.94
N GLY A 130 -43.66 6.60 -4.03
CA GLY A 130 -42.62 6.03 -4.88
C GLY A 130 -41.77 4.98 -4.18
N VAL A 131 -42.40 3.83 -3.92
CA VAL A 131 -41.79 2.75 -3.14
C VAL A 131 -42.02 1.38 -3.79
N SER A 132 -41.08 0.47 -3.58
CA SER A 132 -41.11 -0.85 -4.22
C SER A 132 -40.80 -1.94 -3.21
N SER A 133 -41.32 -3.13 -3.48
CA SER A 133 -41.02 -4.31 -2.65
C SER A 133 -39.57 -4.77 -2.82
N ALA A 134 -38.89 -4.27 -3.85
CA ALA A 134 -37.48 -4.58 -4.07
C ALA A 134 -36.54 -3.83 -3.13
N CYS A 135 -37.05 -2.78 -2.48
CA CYS A 135 -36.28 -2.02 -1.49
C CYS A 135 -37.01 -2.03 -0.14
N PRO A 136 -37.09 -3.20 0.49
CA PRO A 136 -37.85 -3.31 1.72
C PRO A 136 -37.14 -2.71 2.93
N TYR A 137 -37.93 -2.21 3.88
CA TYR A 137 -37.45 -1.71 5.15
C TYR A 137 -38.43 -2.09 6.24
N GLN A 138 -37.97 -2.90 7.20
CA GLN A 138 -38.81 -3.36 8.30
C GLN A 138 -40.15 -3.93 7.79
N GLY A 139 -40.07 -4.77 6.77
CA GLY A 139 -41.23 -5.49 6.25
C GLY A 139 -42.07 -4.75 5.23
N LYS A 140 -41.76 -3.49 4.98
CA LYS A 140 -42.58 -2.65 4.12
C LYS A 140 -41.78 -2.15 2.92
N SER A 141 -42.49 -1.78 1.86
CA SER A 141 -41.87 -1.26 0.66
C SER A 141 -41.26 0.13 0.88
N SER A 142 -40.01 0.31 0.46
CA SER A 142 -39.33 1.57 0.67
C SER A 142 -38.54 1.95 -0.59
N PHE A 143 -37.53 2.80 -0.48
CA PHE A 143 -36.74 3.24 -1.65
C PHE A 143 -35.48 3.98 -1.21
N PHE A 144 -34.55 4.14 -2.14
CA PHE A 144 -33.37 4.98 -1.93
C PHE A 144 -33.76 6.27 -1.17
N ARG A 145 -33.25 6.44 0.05
CA ARG A 145 -33.69 7.53 0.92
C ARG A 145 -33.27 8.93 0.48
N ASN A 146 -32.32 9.03 -0.44
CA ASN A 146 -31.74 10.33 -0.80
C ASN A 146 -32.35 10.94 -2.04
N VAL A 147 -33.13 10.15 -2.77
CA VAL A 147 -33.86 10.63 -3.94
C VAL A 147 -35.35 10.29 -3.83
N VAL A 148 -36.19 11.08 -4.45
CA VAL A 148 -37.65 10.95 -4.31
C VAL A 148 -38.27 10.55 -5.64
N TRP A 149 -38.88 9.37 -5.67
CA TRP A 149 -39.54 8.87 -6.86
C TRP A 149 -40.93 9.51 -6.95
N LEU A 150 -41.01 10.58 -7.72
CA LEU A 150 -42.23 11.37 -7.84
C LEU A 150 -43.19 10.69 -8.80
N ILE A 151 -44.47 10.64 -8.41
CA ILE A 151 -45.54 10.14 -9.26
C ILE A 151 -46.73 11.11 -9.34
N LYS A 152 -47.62 10.86 -10.30
CA LYS A 152 -48.78 11.72 -10.57
C LYS A 152 -49.70 11.98 -9.38
N LYS A 153 -50.50 13.05 -9.48
CA LYS A 153 -51.42 13.44 -8.44
C LYS A 153 -52.78 13.78 -9.04
N ASN A 154 -53.80 13.00 -8.68
CA ASN A 154 -55.14 13.10 -9.29
C ASN A 154 -55.07 13.06 -10.81
N SER A 155 -54.31 12.09 -11.34
CA SER A 155 -54.19 11.87 -12.77
C SER A 155 -53.65 13.11 -13.51
N THR A 156 -52.64 13.75 -12.95
CA THR A 156 -51.92 14.82 -13.65
C THR A 156 -50.49 14.85 -13.13
N TYR A 157 -49.53 14.76 -14.04
CA TYR A 157 -48.13 15.02 -13.72
C TYR A 157 -47.76 16.28 -14.50
N PRO A 158 -47.90 17.45 -13.86
CA PRO A 158 -47.56 18.70 -14.53
C PRO A 158 -46.06 18.89 -14.57
N THR A 159 -45.58 19.70 -15.52
CA THR A 159 -44.15 19.91 -15.69
C THR A 159 -43.52 20.45 -14.41
N ILE A 160 -42.33 19.95 -14.11
CA ILE A 160 -41.55 20.34 -12.94
C ILE A 160 -40.46 21.32 -13.39
N LYS A 161 -40.32 22.45 -12.71
CA LYS A 161 -39.25 23.40 -13.00
C LYS A 161 -38.59 23.86 -11.70
N ARG A 162 -37.58 23.13 -11.26
CA ARG A 162 -36.92 23.40 -9.99
C ARG A 162 -35.48 23.82 -10.16
N SER A 163 -35.00 24.60 -9.20
CA SER A 163 -33.61 25.02 -9.16
C SER A 163 -33.05 24.90 -7.76
N TYR A 164 -31.77 24.52 -7.67
CA TYR A 164 -31.01 24.66 -6.45
C TYR A 164 -29.71 25.40 -6.71
N ASN A 165 -29.45 26.40 -5.87
CA ASN A 165 -28.27 27.24 -5.95
C ASN A 165 -27.28 26.74 -4.93
N ASN A 166 -26.07 26.41 -5.35
CA ASN A 166 -25.04 25.99 -4.39
C ASN A 166 -24.48 27.21 -3.70
N THR A 167 -25.15 27.64 -2.64
CA THR A 167 -24.76 28.85 -1.92
C THR A 167 -23.57 28.59 -0.99
N ASN A 168 -23.53 27.39 -0.39
CA ASN A 168 -22.42 27.00 0.49
C ASN A 168 -21.06 26.99 -0.22
N GLN A 169 -20.00 27.03 0.59
CA GLN A 169 -18.63 27.16 0.10
C GLN A 169 -18.07 25.90 -0.59
N GLU A 170 -18.60 24.73 -0.22
CA GLU A 170 -18.01 23.44 -0.56
C GLU A 170 -18.67 22.77 -1.77
N ASP A 171 -17.88 22.28 -2.72
CA ASP A 171 -18.40 21.53 -3.87
C ASP A 171 -19.50 20.60 -3.39
N LEU A 172 -20.57 20.50 -4.17
CA LEU A 172 -21.71 19.67 -3.81
C LEU A 172 -21.89 18.55 -4.82
N LEU A 173 -21.96 17.30 -4.33
CA LEU A 173 -22.29 16.14 -5.16
C LEU A 173 -23.79 15.95 -5.21
N VAL A 174 -24.35 15.96 -6.41
CA VAL A 174 -25.79 15.89 -6.57
C VAL A 174 -26.15 14.64 -7.36
N LEU A 175 -27.10 13.88 -6.83
CA LEU A 175 -27.60 12.68 -7.46
C LEU A 175 -29.05 12.87 -7.88
N TRP A 176 -29.38 12.35 -9.06
CA TRP A 176 -30.77 12.23 -9.49
C TRP A 176 -30.91 10.93 -10.26
N GLY A 177 -32.11 10.64 -10.75
CA GLY A 177 -32.34 9.44 -11.52
C GLY A 177 -33.49 9.52 -12.48
N ILE A 178 -33.55 8.53 -13.38
CA ILE A 178 -34.67 8.41 -14.30
C ILE A 178 -35.19 6.99 -14.20
N HIS A 179 -36.51 6.85 -14.31
CA HIS A 179 -37.16 5.55 -14.27
C HIS A 179 -37.53 5.08 -15.67
N HIS A 180 -37.09 3.87 -16.02
CA HIS A 180 -37.40 3.24 -17.29
C HIS A 180 -38.44 2.14 -17.04
N PRO A 181 -39.72 2.41 -17.35
CA PRO A 181 -40.75 1.42 -17.05
C PRO A 181 -40.85 0.31 -18.10
N ASN A 182 -41.65 -0.71 -17.81
CA ASN A 182 -41.83 -1.87 -18.68
C ASN A 182 -42.59 -1.66 -19.97
N ASP A 183 -43.61 -0.80 -19.93
CA ASP A 183 -44.51 -0.60 -21.07
C ASP A 183 -45.31 0.72 -21.01
N ALA A 184 -46.01 1.00 -22.10
CA ALA A 184 -46.85 2.20 -22.23
C ALA A 184 -47.95 2.29 -21.17
N ALA A 185 -48.45 1.12 -20.74
CA ALA A 185 -49.50 1.06 -19.71
C ALA A 185 -48.97 1.51 -18.37
N GLU A 186 -47.72 1.19 -18.07
CA GLU A 186 -47.11 1.56 -16.80
C GLU A 186 -46.66 3.01 -16.78
N GLN A 187 -46.21 3.51 -17.93
CA GLN A 187 -45.92 4.93 -18.11
C GLN A 187 -47.09 5.81 -17.68
N THR A 188 -48.28 5.56 -18.25
CA THR A 188 -49.45 6.38 -17.94
C THR A 188 -49.95 6.12 -16.50
N LYS A 189 -49.80 4.89 -16.03
CA LYS A 189 -50.21 4.53 -14.68
C LYS A 189 -49.40 5.26 -13.59
N LEU A 190 -48.16 5.64 -13.89
CA LEU A 190 -47.29 6.32 -12.91
C LEU A 190 -47.16 7.82 -13.14
N TYR A 191 -46.99 8.21 -14.40
CA TYR A 191 -46.68 9.60 -14.75
C TYR A 191 -47.69 10.22 -15.71
N GLN A 192 -48.73 9.47 -16.06
CA GLN A 192 -49.78 9.92 -16.99
C GLN A 192 -49.32 10.18 -18.42
N ASN A 193 -48.43 11.15 -18.60
CA ASN A 193 -47.95 11.54 -19.92
C ASN A 193 -47.22 10.39 -20.62
N PRO A 194 -47.52 10.14 -21.90
CA PRO A 194 -46.84 9.04 -22.59
C PRO A 194 -45.38 9.32 -22.90
N THR A 195 -45.08 10.52 -23.40
CA THR A 195 -43.74 10.87 -23.84
C THR A 195 -43.15 11.89 -22.87
N THR A 196 -42.07 11.52 -22.17
CA THR A 196 -41.50 12.37 -21.14
C THR A 196 -39.98 12.54 -21.30
N TYR A 197 -39.41 13.33 -20.41
CA TYR A 197 -37.99 13.64 -20.43
C TYR A 197 -37.59 14.21 -19.09
N ILE A 198 -36.28 14.30 -18.87
CA ILE A 198 -35.73 15.01 -17.73
C ILE A 198 -34.59 15.84 -18.27
N SER A 199 -34.70 17.15 -18.15
CA SER A 199 -33.62 18.04 -18.59
C SER A 199 -32.87 18.53 -17.36
N VAL A 200 -31.54 18.55 -17.45
CA VAL A 200 -30.69 18.92 -16.33
C VAL A 200 -29.59 19.85 -16.84
N GLY A 201 -29.44 20.98 -16.17
CA GLY A 201 -28.46 21.99 -16.58
C GLY A 201 -27.69 22.60 -15.42
N THR A 202 -26.40 22.82 -15.65
CA THR A 202 -25.57 23.65 -14.78
C THR A 202 -24.76 24.55 -15.71
N SER A 203 -23.77 25.24 -15.15
CA SER A 203 -22.86 26.01 -15.99
C SER A 203 -22.15 25.09 -16.99
N THR A 204 -21.97 23.82 -16.63
CA THR A 204 -21.26 22.88 -17.50
C THR A 204 -22.12 21.74 -18.05
N LEU A 205 -23.23 21.41 -17.38
CA LEU A 205 -24.05 20.26 -17.75
C LEU A 205 -25.19 20.65 -18.72
N ASN A 206 -25.34 19.86 -19.79
CA ASN A 206 -26.41 20.06 -20.75
C ASN A 206 -27.03 18.71 -21.10
N GLN A 207 -27.86 18.21 -20.20
CA GLN A 207 -28.39 16.86 -20.30
C GLN A 207 -29.90 16.86 -20.55
N ARG A 208 -30.37 15.84 -21.27
CA ARG A 208 -31.80 15.64 -21.48
C ARG A 208 -32.04 14.16 -21.65
N LEU A 209 -32.46 13.52 -20.56
CA LEU A 209 -32.72 12.09 -20.55
C LEU A 209 -34.15 11.83 -21.01
N VAL A 210 -34.35 10.72 -21.70
CA VAL A 210 -35.70 10.26 -22.04
C VAL A 210 -35.84 8.82 -21.57
N PRO A 211 -37.01 8.48 -20.98
CA PRO A 211 -37.19 7.08 -20.58
C PRO A 211 -37.19 6.15 -21.79
N ARG A 212 -36.73 4.93 -21.54
CA ARG A 212 -36.49 3.92 -22.55
C ARG A 212 -37.33 2.73 -22.16
N ILE A 213 -38.33 2.43 -22.97
CA ILE A 213 -39.29 1.39 -22.67
C ILE A 213 -38.90 0.09 -23.38
N ALA A 214 -38.89 -1.01 -22.61
CA ALA A 214 -38.56 -2.33 -23.12
C ALA A 214 -38.94 -3.37 -22.08
N THR A 215 -39.19 -4.59 -22.54
CA THR A 215 -39.51 -5.70 -21.64
C THR A 215 -38.19 -6.33 -21.25
N ARG A 216 -37.93 -6.41 -19.96
CA ARG A 216 -36.65 -6.88 -19.47
C ARG A 216 -36.82 -8.06 -18.52
N SER A 217 -35.73 -8.81 -18.32
CA SER A 217 -35.73 -9.87 -17.32
C SER A 217 -36.01 -9.25 -15.97
N LYS A 218 -36.69 -9.99 -15.10
CA LYS A 218 -36.93 -9.49 -13.75
C LYS A 218 -35.64 -9.61 -12.97
N VAL A 219 -35.29 -8.54 -12.27
CA VAL A 219 -34.20 -8.57 -11.31
C VAL A 219 -34.77 -7.99 -10.00
N ASN A 220 -34.63 -8.75 -8.92
CA ASN A 220 -35.32 -8.43 -7.66
C ASN A 220 -36.84 -8.23 -7.84
N GLY A 221 -37.42 -9.00 -8.76
CA GLY A 221 -38.85 -8.93 -9.05
C GLY A 221 -39.28 -7.74 -9.90
N GLN A 222 -38.31 -6.98 -10.40
CA GLN A 222 -38.62 -5.77 -11.16
C GLN A 222 -38.05 -5.88 -12.56
N SER A 223 -38.87 -5.57 -13.55
CA SER A 223 -38.43 -5.54 -14.95
C SER A 223 -38.19 -4.11 -15.42
N GLY A 224 -38.68 -3.15 -14.65
CA GLY A 224 -38.32 -1.75 -14.87
C GLY A 224 -36.89 -1.52 -14.40
N ARG A 225 -36.34 -0.37 -14.76
CA ARG A 225 -34.97 -0.03 -14.42
C ARG A 225 -34.85 1.41 -13.96
N MET A 226 -33.95 1.66 -13.01
CA MET A 226 -33.63 3.02 -12.56
C MET A 226 -32.20 3.33 -12.94
N GLU A 227 -32.01 4.45 -13.63
CA GLU A 227 -30.68 4.86 -14.09
C GLU A 227 -30.31 6.12 -13.34
N PHE A 228 -29.20 6.06 -12.62
CA PHE A 228 -28.82 7.13 -11.73
C PHE A 228 -27.65 7.92 -12.30
N PHE A 229 -27.72 9.24 -12.14
CA PHE A 229 -26.72 10.16 -12.65
C PHE A 229 -26.25 11.07 -11.55
N TRP A 230 -25.18 11.81 -11.83
CA TRP A 230 -24.61 12.70 -10.86
C TRP A 230 -23.81 13.80 -11.52
N THR A 231 -23.58 14.85 -10.76
CA THR A 231 -22.63 15.89 -11.15
C THR A 231 -22.03 16.49 -9.90
N ILE A 232 -21.00 17.29 -10.08
CA ILE A 232 -20.45 18.09 -9.00
C ILE A 232 -20.87 19.52 -9.28
N LEU A 233 -21.66 20.07 -8.37
CA LEU A 233 -22.14 21.43 -8.48
C LEU A 233 -21.15 22.35 -7.75
N LYS A 234 -20.50 23.22 -8.49
CA LYS A 234 -19.50 24.11 -7.92
C LYS A 234 -20.15 25.18 -7.03
N PRO A 235 -19.34 25.84 -6.17
CA PRO A 235 -19.98 26.86 -5.33
C PRO A 235 -20.53 27.98 -6.19
N ASN A 236 -21.64 28.57 -5.77
CA ASN A 236 -22.20 29.72 -6.44
C ASN A 236 -22.79 29.37 -7.82
N ASP A 237 -22.91 28.09 -8.12
CA ASP A 237 -23.57 27.64 -9.34
C ASP A 237 -24.94 27.06 -8.97
N ALA A 238 -25.78 26.89 -9.97
CA ALA A 238 -27.11 26.35 -9.77
C ALA A 238 -27.42 25.23 -10.75
N ILE A 239 -28.21 24.26 -10.29
CA ILE A 239 -28.67 23.17 -11.14
C ILE A 239 -30.17 23.33 -11.35
N ASN A 240 -30.62 23.17 -12.59
CA ASN A 240 -32.04 23.29 -12.91
C ASN A 240 -32.54 21.96 -13.46
N PHE A 241 -33.71 21.55 -12.98
CA PHE A 241 -34.36 20.33 -13.43
C PHE A 241 -35.67 20.68 -14.11
N GLU A 242 -35.94 20.03 -15.24
CA GLU A 242 -37.25 20.11 -15.88
C GLU A 242 -37.70 18.69 -16.25
N SER A 243 -38.93 18.31 -15.88
CA SER A 243 -39.43 16.99 -16.24
C SER A 243 -40.95 16.83 -16.37
N ASN A 244 -41.35 16.06 -17.40
CA ASN A 244 -42.71 15.56 -17.60
C ASN A 244 -43.14 14.41 -16.70
N GLY A 245 -42.17 13.62 -16.28
CA GLY A 245 -42.41 12.39 -15.53
C GLY A 245 -41.14 11.56 -15.49
N ASN A 246 -41.18 10.47 -14.72
CA ASN A 246 -40.07 9.52 -14.63
C ASN A 246 -38.88 10.06 -13.85
N PHE A 247 -39.03 11.26 -13.29
CA PHE A 247 -37.94 11.95 -12.63
C PHE A 247 -37.78 11.45 -11.21
N ILE A 248 -36.60 10.94 -10.88
CA ILE A 248 -36.26 10.60 -9.51
C ILE A 248 -35.46 11.77 -9.00
N ALA A 249 -36.08 12.56 -8.14
CA ALA A 249 -35.57 13.89 -7.81
C ALA A 249 -34.63 13.86 -6.60
N PRO A 250 -33.61 14.72 -6.59
CA PRO A 250 -32.80 14.78 -5.38
C PRO A 250 -33.64 15.22 -4.19
N GLU A 251 -33.38 14.65 -3.03
CA GLU A 251 -33.78 15.29 -1.77
C GLU A 251 -32.52 15.71 -1.04
N TYR A 252 -31.67 14.73 -0.74
CA TYR A 252 -30.39 14.99 -0.08
C TYR A 252 -29.23 14.92 -1.07
N ALA A 253 -28.27 15.80 -0.87
CA ALA A 253 -27.04 15.81 -1.67
C ALA A 253 -25.85 15.93 -0.74
N TYR A 254 -24.66 15.62 -1.23
CA TYR A 254 -23.50 15.53 -0.36
C TYR A 254 -22.53 16.70 -0.47
N LYS A 255 -22.24 17.31 0.66
CA LYS A 255 -21.31 18.43 0.73
C LYS A 255 -19.91 17.87 0.89
N ILE A 256 -19.01 18.23 -0.02
CA ILE A 256 -17.63 17.77 0.02
C ILE A 256 -16.82 18.68 0.94
N VAL A 257 -16.82 18.37 2.23
CA VAL A 257 -16.15 19.23 3.22
C VAL A 257 -14.64 19.05 3.23
N LYS A 258 -14.18 17.80 3.30
CA LYS A 258 -12.75 17.50 3.36
C LYS A 258 -12.26 16.68 2.19
N LYS A 259 -11.28 17.23 1.47
CA LYS A 259 -10.55 16.51 0.42
C LYS A 259 -9.22 16.04 0.97
N GLY A 260 -8.70 14.93 0.43
CA GLY A 260 -7.41 14.42 0.87
C GLY A 260 -7.11 13.00 0.43
N ASP A 261 -6.09 12.42 1.05
CA ASP A 261 -5.63 11.09 0.67
C ASP A 261 -6.53 10.01 1.24
N SER A 262 -7.24 9.34 0.35
CA SER A 262 -8.09 8.22 0.71
C SER A 262 -7.90 7.10 -0.31
N THR A 263 -8.61 6.00 -0.13
CA THR A 263 -8.59 4.92 -1.08
C THR A 263 -9.80 4.05 -0.82
N ILE A 264 -10.33 3.43 -1.87
CA ILE A 264 -11.35 2.42 -1.73
C ILE A 264 -10.65 1.08 -1.76
N MET A 265 -10.54 0.46 -0.61
CA MET A 265 -9.82 -0.78 -0.44
C MET A 265 -10.84 -1.92 -0.57
N LYS A 266 -10.47 -3.01 -1.25
CA LYS A 266 -11.40 -4.11 -1.47
C LYS A 266 -10.97 -5.24 -0.55
N SER A 267 -11.88 -5.66 0.31
CA SER A 267 -11.59 -6.65 1.35
C SER A 267 -12.88 -7.19 1.94
N GLU A 268 -12.84 -8.46 2.33
CA GLU A 268 -13.93 -9.11 3.03
C GLU A 268 -13.81 -8.95 4.56
N LEU A 269 -12.67 -8.43 5.05
CA LEU A 269 -12.44 -8.31 6.48
C LEU A 269 -13.27 -7.19 7.09
N GLU A 270 -13.70 -7.39 8.34
CA GLU A 270 -14.42 -6.38 9.10
C GLU A 270 -13.46 -5.60 10.02
N TYR A 271 -13.98 -4.67 10.81
CA TYR A 271 -13.18 -3.81 11.70
C TYR A 271 -12.48 -4.63 12.78
N GLY A 272 -11.23 -4.31 13.05
CA GLY A 272 -10.42 -5.09 13.98
C GLY A 272 -10.05 -4.40 15.27
N ASN A 273 -10.69 -3.27 15.56
CA ASN A 273 -10.44 -2.50 16.78
C ASN A 273 -8.96 -2.30 17.05
N CYS A 274 -8.30 -1.56 16.17
CA CYS A 274 -6.86 -1.37 16.24
C CYS A 274 -6.46 -0.08 15.53
N ASN A 275 -5.18 0.28 15.68
CA ASN A 275 -4.62 1.46 15.05
C ASN A 275 -3.32 1.07 14.37
N THR A 276 -2.96 1.77 13.31
CA THR A 276 -1.77 1.43 12.56
C THR A 276 -1.34 2.60 11.70
N LYS A 277 -0.09 2.55 11.28
CA LYS A 277 0.47 3.56 10.37
C LYS A 277 0.37 3.10 8.93
N CYS A 278 0.24 1.79 8.70
CA CYS A 278 0.25 1.24 7.35
C CYS A 278 -0.78 0.14 7.23
N GLN A 279 -1.76 0.33 6.35
CA GLN A 279 -2.85 -0.67 6.18
C GLN A 279 -2.86 -1.27 4.79
N THR A 280 -3.08 -2.58 4.75
CA THR A 280 -3.28 -3.30 3.51
C THR A 280 -4.60 -4.07 3.59
N PRO A 281 -5.14 -4.51 2.45
CA PRO A 281 -6.43 -5.22 2.42
C PRO A 281 -6.48 -6.50 3.25
N MET A 282 -5.30 -7.04 3.57
CA MET A 282 -5.21 -8.30 4.30
C MET A 282 -4.83 -8.11 5.75
N GLY A 283 -4.49 -6.88 6.13
CA GLY A 283 -4.02 -6.60 7.47
C GLY A 283 -3.06 -5.43 7.55
N ALA A 284 -2.75 -5.02 8.77
CA ALA A 284 -1.95 -3.83 9.01
C ALA A 284 -0.48 -4.18 9.22
N ILE A 285 0.38 -3.22 8.89
CA ILE A 285 1.82 -3.44 8.96
C ILE A 285 2.42 -2.57 10.05
N ASN A 286 3.27 -3.16 10.88
CA ASN A 286 4.01 -2.43 11.89
C ASN A 286 5.48 -2.81 11.82
N SER A 287 6.23 -2.17 10.95
CA SER A 287 7.65 -2.50 10.87
C SER A 287 8.54 -1.33 10.44
N SER A 288 9.83 -1.54 10.65
CA SER A 288 10.85 -0.56 10.28
C SER A 288 11.60 -0.98 8.99
N MET A 289 11.18 -2.10 8.40
CA MET A 289 11.88 -2.65 7.24
C MET A 289 11.63 -1.79 6.00
N PRO A 290 12.63 -1.68 5.12
CA PRO A 290 12.38 -0.91 3.91
C PRO A 290 11.41 -1.56 2.92
N PHE A 291 11.20 -2.87 3.04
CA PHE A 291 10.39 -3.63 2.07
C PHE A 291 9.39 -4.49 2.81
N HIS A 292 8.29 -4.82 2.12
CA HIS A 292 7.38 -5.87 2.57
C HIS A 292 6.83 -6.60 1.37
N ASN A 293 6.16 -7.73 1.62
CA ASN A 293 5.56 -8.53 0.55
C ASN A 293 4.12 -8.98 0.87
N ILE A 294 3.42 -8.18 1.66
CA ILE A 294 2.02 -8.47 2.03
C ILE A 294 1.06 -8.26 0.84
N HIS A 295 0.99 -7.03 0.33
CA HIS A 295 0.02 -6.69 -0.71
C HIS A 295 0.44 -5.36 -1.37
N PRO A 296 0.28 -5.24 -2.71
CA PRO A 296 0.68 -3.99 -3.37
C PRO A 296 -0.15 -2.75 -3.01
N LEU A 297 -1.43 -2.93 -2.73
CA LEU A 297 -2.33 -1.79 -2.45
C LEU A 297 -2.31 -1.39 -0.98
N THR A 298 -1.45 -0.45 -0.62
CA THR A 298 -1.38 -0.02 0.77
C THR A 298 -1.75 1.43 0.92
N ILE A 299 -2.05 1.80 2.16
CA ILE A 299 -2.28 3.21 2.49
C ILE A 299 -1.57 3.54 3.79
N GLY A 300 -0.96 4.73 3.81
CA GLY A 300 -0.20 5.20 4.96
C GLY A 300 1.28 5.18 4.71
N GLU A 301 2.05 5.24 5.79
CA GLU A 301 3.50 5.31 5.70
C GLU A 301 3.99 3.88 5.74
N CYS A 302 4.30 3.36 4.56
CA CYS A 302 4.52 1.93 4.39
C CYS A 302 5.89 1.63 3.81
N PRO A 303 6.39 0.42 4.07
CA PRO A 303 7.54 -0.06 3.34
C PRO A 303 7.18 -0.22 1.87
N LYS A 304 8.18 -0.49 1.03
CA LYS A 304 7.95 -0.63 -0.40
C LYS A 304 7.63 -2.08 -0.71
N TYR A 305 6.61 -2.28 -1.52
CA TYR A 305 6.15 -3.62 -1.82
C TYR A 305 7.02 -4.29 -2.86
N VAL A 306 7.47 -5.51 -2.57
CA VAL A 306 8.07 -6.41 -3.56
C VAL A 306 7.45 -7.80 -3.51
N LYS A 307 7.55 -8.51 -4.62
CA LYS A 307 7.12 -9.91 -4.72
C LYS A 307 8.11 -10.92 -4.13
N SER A 308 9.12 -10.48 -3.41
CA SER A 308 10.14 -11.40 -2.92
C SER A 308 9.63 -12.27 -1.80
N ASN A 309 10.16 -13.49 -1.71
CA ASN A 309 9.95 -14.33 -0.53
C ASN A 309 11.02 -14.12 0.55
N ARG A 310 12.13 -13.49 0.18
CA ARG A 310 13.28 -13.34 1.06
C ARG A 310 14.25 -12.24 0.55
N LEU A 311 14.61 -11.30 1.42
CA LEU A 311 15.64 -10.29 1.13
C LEU A 311 16.51 -10.09 2.37
N VAL A 312 17.72 -10.66 2.34
CA VAL A 312 18.63 -10.61 3.46
C VAL A 312 20.02 -10.14 3.02
N LEU A 313 20.47 -9.00 3.55
CA LEU A 313 21.79 -8.44 3.27
C LEU A 313 22.84 -8.98 4.21
N ALA A 314 23.99 -9.35 3.66
CA ALA A 314 25.16 -9.66 4.45
C ALA A 314 25.68 -8.36 5.06
N THR A 315 26.01 -8.44 6.34
CA THR A 315 26.70 -7.37 7.04
C THR A 315 28.05 -7.87 7.51
N GLY A 316 28.06 -9.05 8.12
CA GLY A 316 29.27 -9.71 8.53
C GLY A 316 29.94 -10.47 7.41
N LEU A 317 30.81 -11.38 7.82
CA LEU A 317 31.67 -12.11 6.90
C LEU A 317 31.33 -13.59 6.94
N ARG A 318 31.99 -14.35 6.06
CA ARG A 318 31.72 -15.75 5.88
C ARG A 318 32.07 -16.51 7.15
N ASN A 319 31.04 -17.10 7.74
CA ASN A 319 31.19 -17.75 9.03
C ASN A 319 31.75 -19.13 8.87
N SER A 320 32.67 -19.48 9.75
CA SER A 320 33.43 -20.71 9.64
C SER A 320 32.64 -21.87 10.25
N PRO A 321 32.84 -23.10 9.74
CA PRO A 321 31.99 -24.21 10.19
C PRO A 321 32.36 -24.65 11.60
N GLY B 1 37.35 -16.86 -1.83
CA GLY B 1 37.06 -15.41 -1.97
C GLY B 1 38.10 -14.71 -2.82
N LEU B 2 37.71 -13.59 -3.40
CA LEU B 2 38.55 -12.94 -4.39
C LEU B 2 39.94 -12.60 -3.88
N PHE B 3 40.05 -12.29 -2.59
CA PHE B 3 41.31 -11.80 -2.02
C PHE B 3 42.14 -12.88 -1.34
N GLY B 4 41.57 -14.07 -1.22
CA GLY B 4 42.31 -15.26 -0.86
C GLY B 4 42.62 -15.45 0.62
N ALA B 5 42.13 -14.57 1.49
CA ALA B 5 42.49 -14.63 2.89
C ALA B 5 41.48 -15.46 3.67
N ILE B 6 40.24 -14.97 3.70
CA ILE B 6 39.14 -15.62 4.43
C ILE B 6 38.84 -16.97 3.79
N ALA B 7 38.88 -18.03 4.59
CA ALA B 7 38.66 -19.39 4.08
C ALA B 7 39.58 -19.70 2.90
N GLY B 8 40.80 -19.18 2.97
CA GLY B 8 41.82 -19.35 1.94
C GLY B 8 43.10 -19.67 2.68
N PHE B 9 44.10 -18.80 2.64
CA PHE B 9 45.36 -19.11 3.26
C PHE B 9 45.21 -19.03 4.79
N ILE B 10 44.20 -18.28 5.24
CA ILE B 10 43.72 -18.36 6.62
C ILE B 10 42.50 -19.26 6.64
N GLU B 11 42.69 -20.45 7.19
CA GLU B 11 41.76 -21.55 7.03
C GLU B 11 40.35 -21.32 7.54
N GLY B 12 40.26 -20.72 8.72
CA GLY B 12 38.96 -20.40 9.32
C GLY B 12 39.06 -19.27 10.33
N GLY B 13 37.91 -18.85 10.82
CA GLY B 13 37.80 -17.77 11.78
C GLY B 13 38.02 -18.18 13.23
N TRP B 14 37.95 -17.19 14.11
CA TRP B 14 38.26 -17.36 15.52
C TRP B 14 37.02 -17.09 16.36
N GLN B 15 36.46 -18.16 16.92
CA GLN B 15 35.41 -18.05 17.91
C GLN B 15 35.89 -17.22 19.08
N GLY B 16 37.19 -17.28 19.35
CA GLY B 16 37.78 -16.63 20.52
C GLY B 16 37.98 -15.13 20.44
N MET B 17 37.98 -14.55 19.25
CA MET B 17 38.07 -13.10 19.07
C MET B 17 36.69 -12.43 18.94
N VAL B 18 36.26 -11.85 20.05
CA VAL B 18 34.88 -11.46 20.26
C VAL B 18 34.64 -9.96 20.04
N ASP B 19 35.69 -9.17 20.13
CA ASP B 19 35.54 -7.72 20.19
C ASP B 19 35.90 -7.03 18.86
N GLY B 20 35.96 -7.79 17.78
CA GLY B 20 36.13 -7.15 16.49
C GLY B 20 36.03 -8.11 15.34
N TRP B 21 36.03 -7.58 14.11
CA TRP B 21 35.91 -8.44 12.94
C TRP B 21 37.26 -9.03 12.52
N TYR B 22 38.32 -8.27 12.70
CA TYR B 22 39.65 -8.69 12.31
C TYR B 22 40.59 -8.30 13.43
N GLY B 23 41.62 -9.11 13.64
CA GLY B 23 42.62 -8.80 14.63
C GLY B 23 43.71 -9.83 14.66
N TYR B 24 44.39 -9.89 15.80
CA TYR B 24 45.60 -10.68 15.96
C TYR B 24 45.49 -11.73 17.05
N HIS B 25 46.25 -12.79 16.92
CA HIS B 25 46.47 -13.73 17.98
C HIS B 25 47.96 -13.87 18.24
N HIS B 26 48.40 -13.69 19.47
CA HIS B 26 49.82 -13.82 19.81
C HIS B 26 50.11 -15.05 20.69
N SER B 27 51.38 -15.43 20.73
CA SER B 27 51.88 -16.63 21.44
C SER B 27 53.31 -16.40 21.79
N ASN B 28 53.61 -16.26 23.07
CA ASN B 28 54.98 -16.15 23.53
C ASN B 28 55.13 -16.86 24.89
N GLU B 29 56.29 -16.74 25.53
CA GLU B 29 56.49 -17.44 26.79
C GLU B 29 55.55 -16.94 27.90
N GLN B 30 55.04 -15.73 27.77
CA GLN B 30 54.16 -15.15 28.78
C GLN B 30 52.70 -15.59 28.64
N GLY B 31 52.31 -16.08 27.47
CA GLY B 31 50.94 -16.53 27.27
C GLY B 31 50.49 -16.30 25.86
N SER B 32 49.18 -16.25 25.67
CA SER B 32 48.60 -16.10 24.35
C SER B 32 47.28 -15.38 24.44
N GLY B 33 46.79 -14.87 23.31
CA GLY B 33 45.52 -14.16 23.31
C GLY B 33 45.11 -13.49 22.01
N TYR B 34 43.85 -13.07 21.97
CA TYR B 34 43.26 -12.41 20.83
C TYR B 34 43.13 -10.93 21.09
N ALA B 35 43.51 -10.11 20.11
CA ALA B 35 43.31 -8.66 20.20
C ALA B 35 42.75 -8.13 18.87
N ALA B 36 41.62 -7.42 18.93
CA ALA B 36 40.98 -6.89 17.73
C ALA B 36 41.72 -5.68 17.18
N ASP B 37 41.83 -5.58 15.86
CA ASP B 37 42.34 -4.38 15.23
C ASP B 37 41.18 -3.39 15.07
N LYS B 38 41.19 -2.34 15.88
CA LYS B 38 40.08 -1.39 15.97
C LYS B 38 39.88 -0.57 14.69
N GLU B 39 40.97 -0.12 14.09
CA GLU B 39 40.91 0.69 12.86
C GLU B 39 40.24 -0.02 11.69
N SER B 40 40.66 -1.25 11.41
CA SER B 40 40.14 -1.97 10.25
C SER B 40 38.71 -2.45 10.49
N THR B 41 38.38 -2.71 11.75
CA THR B 41 37.05 -3.12 12.13
C THR B 41 36.09 -1.95 11.95
N GLN B 42 36.47 -0.79 12.46
CA GLN B 42 35.60 0.38 12.39
C GLN B 42 35.39 0.81 10.93
N LYS B 43 36.46 0.69 10.14
CA LYS B 43 36.38 0.92 8.71
C LYS B 43 35.37 -0.01 8.05
N ALA B 44 35.39 -1.27 8.46
CA ALA B 44 34.46 -2.22 7.92
C ALA B 44 33.05 -1.87 8.35
N ILE B 45 32.87 -1.50 9.60
CA ILE B 45 31.54 -1.12 10.08
C ILE B 45 30.99 0.10 9.36
N ASP B 46 31.82 1.11 9.12
CA ASP B 46 31.37 2.30 8.41
C ASP B 46 30.95 1.99 6.98
N GLY B 47 31.73 1.17 6.29
CA GLY B 47 31.43 0.85 4.90
C GLY B 47 30.12 0.10 4.72
N VAL B 48 29.93 -0.92 5.55
CA VAL B 48 28.74 -1.79 5.49
C VAL B 48 27.50 -1.02 5.94
N THR B 49 27.65 -0.14 6.92
CA THR B 49 26.55 0.70 7.38
C THR B 49 26.09 1.65 6.28
N ASN B 50 27.05 2.25 5.59
CA ASN B 50 26.74 3.16 4.49
C ASN B 50 26.10 2.40 3.32
N LYS B 51 26.57 1.19 3.08
CA LYS B 51 26.00 0.33 2.03
C LYS B 51 24.53 0.01 2.31
N VAL B 52 24.21 -0.34 3.54
CA VAL B 52 22.84 -0.64 3.88
C VAL B 52 21.95 0.60 3.71
N ASN B 53 22.39 1.74 4.24
CA ASN B 53 21.61 2.98 4.13
C ASN B 53 21.50 3.48 2.68
N SER B 54 22.53 3.22 1.87
CA SER B 54 22.49 3.49 0.44
C SER B 54 21.42 2.64 -0.24
N ILE B 55 21.40 1.34 0.07
CA ILE B 55 20.42 0.42 -0.50
C ILE B 55 19.00 0.79 -0.07
N ILE B 56 18.78 0.96 1.22
CA ILE B 56 17.48 1.33 1.71
C ILE B 56 16.98 2.58 0.99
N ASP B 57 17.89 3.54 0.78
CA ASP B 57 17.50 4.88 0.34
C ASP B 57 17.24 4.96 -1.17
N LYS B 58 18.07 4.31 -1.98
CA LYS B 58 17.83 4.25 -3.42
C LYS B 58 16.45 3.61 -3.73
N MET B 59 16.03 2.66 -2.91
CA MET B 59 14.73 2.00 -3.07
C MET B 59 13.58 2.84 -2.54
N ASN B 60 13.87 3.91 -1.82
CA ASN B 60 12.85 4.82 -1.26
C ASN B 60 11.78 5.25 -2.27
N THR B 61 12.20 5.85 -3.39
CA THR B 61 11.25 6.18 -4.43
C THR B 61 11.11 4.94 -5.30
N GLN B 62 9.88 4.49 -5.46
CA GLN B 62 9.58 3.23 -6.12
C GLN B 62 8.07 3.15 -6.34
N PHE B 63 7.64 2.32 -7.29
CA PHE B 63 6.24 2.30 -7.72
C PHE B 63 5.23 1.94 -6.62
N GLU B 64 4.18 2.75 -6.51
CA GLU B 64 3.08 2.50 -5.59
C GLU B 64 1.81 2.18 -6.37
N ALA B 65 1.22 1.03 -6.10
CA ALA B 65 -0.04 0.68 -6.75
C ALA B 65 -1.23 1.47 -6.15
N VAL B 66 -2.26 1.65 -6.98
CA VAL B 66 -3.45 2.39 -6.62
C VAL B 66 -4.65 1.63 -7.14
N GLY B 67 -5.68 1.49 -6.31
CA GLY B 67 -6.96 0.90 -6.72
C GLY B 67 -7.63 1.72 -7.81
N ARG B 68 -7.95 1.04 -8.92
CA ARG B 68 -8.58 1.66 -10.09
C ARG B 68 -9.62 0.68 -10.63
N GLU B 69 -10.86 1.13 -10.78
CA GLU B 69 -11.92 0.23 -11.22
C GLU B 69 -12.45 0.55 -12.60
N PHE B 70 -12.94 -0.48 -13.27
CA PHE B 70 -13.41 -0.37 -14.63
C PHE B 70 -14.65 -1.25 -14.80
N ASN B 71 -15.53 -0.87 -15.72
CA ASN B 71 -16.78 -1.60 -15.93
C ASN B 71 -16.58 -2.72 -16.94
N ASN B 72 -17.67 -3.41 -17.25
CA ASN B 72 -17.65 -4.63 -18.05
C ASN B 72 -17.25 -4.43 -19.52
N LEU B 73 -17.35 -3.20 -20.02
CA LEU B 73 -16.94 -2.85 -21.38
C LEU B 73 -15.77 -1.86 -21.38
N GLU B 74 -14.95 -1.95 -20.34
CA GLU B 74 -13.67 -1.26 -20.32
C GLU B 74 -12.58 -2.29 -20.03
N ARG B 75 -12.69 -3.49 -20.62
CA ARG B 75 -11.76 -4.55 -20.34
C ARG B 75 -10.35 -4.23 -20.81
N ARG B 76 -10.24 -3.64 -21.99
CA ARG B 76 -8.92 -3.34 -22.55
C ARG B 76 -8.06 -2.49 -21.61
N ILE B 77 -8.61 -1.37 -21.13
CA ILE B 77 -7.88 -0.50 -20.22
C ILE B 77 -7.74 -1.10 -18.80
N GLU B 78 -8.70 -1.92 -18.38
CA GLU B 78 -8.53 -2.66 -17.14
C GLU B 78 -7.28 -3.53 -17.26
N ASN B 79 -7.09 -4.12 -18.43
CA ASN B 79 -6.00 -5.05 -18.65
C ASN B 79 -4.69 -4.29 -18.79
N LEU B 80 -4.76 -3.13 -19.44
CA LEU B 80 -3.61 -2.25 -19.58
C LEU B 80 -3.13 -1.87 -18.20
N ASN B 81 -4.07 -1.47 -17.36
CA ASN B 81 -3.81 -1.08 -15.98
C ASN B 81 -3.17 -2.18 -15.13
N LYS B 82 -3.67 -3.40 -15.29
CA LYS B 82 -3.18 -4.53 -14.54
C LYS B 82 -1.76 -4.83 -15.00
N LYS B 83 -1.57 -4.86 -16.33
CA LYS B 83 -0.24 -5.03 -16.91
C LYS B 83 0.77 -3.98 -16.45
N MET B 84 0.33 -2.73 -16.45
CA MET B 84 1.21 -1.66 -16.08
C MET B 84 1.63 -1.80 -14.62
N GLU B 85 0.69 -2.08 -13.73
CA GLU B 85 1.02 -2.17 -12.31
C GLU B 85 1.88 -3.38 -12.01
N ASP B 86 1.52 -4.52 -12.57
CA ASP B 86 2.33 -5.74 -12.47
C ASP B 86 3.73 -5.59 -13.03
N GLY B 87 3.83 -4.90 -14.16
CA GLY B 87 5.11 -4.66 -14.81
C GLY B 87 6.08 -3.91 -13.93
N PHE B 88 5.62 -2.87 -13.25
CA PHE B 88 6.47 -2.13 -12.36
C PHE B 88 6.88 -2.95 -11.14
N LEU B 89 5.98 -3.78 -10.61
CA LEU B 89 6.34 -4.65 -9.49
C LEU B 89 7.46 -5.60 -9.85
N ASP B 90 7.35 -6.22 -11.02
CA ASP B 90 8.36 -7.13 -11.53
C ASP B 90 9.72 -6.44 -11.70
N VAL B 91 9.69 -5.21 -12.17
CA VAL B 91 10.89 -4.41 -12.35
C VAL B 91 11.52 -4.08 -11.01
N TRP B 92 10.70 -3.66 -10.06
CA TRP B 92 11.20 -3.33 -8.73
C TRP B 92 11.56 -4.57 -7.89
N THR B 93 10.90 -5.68 -8.13
CA THR B 93 11.27 -6.90 -7.45
C THR B 93 12.65 -7.31 -7.94
N TYR B 94 12.87 -7.21 -9.25
CA TYR B 94 14.14 -7.58 -9.89
C TYR B 94 15.28 -6.67 -9.37
N ASN B 95 15.07 -5.36 -9.41
CA ASN B 95 16.02 -4.42 -8.85
C ASN B 95 16.40 -4.78 -7.39
N ALA B 96 15.42 -5.07 -6.54
CA ALA B 96 15.72 -5.40 -5.13
C ALA B 96 16.51 -6.71 -5.01
N GLU B 97 16.07 -7.77 -5.68
CA GLU B 97 16.73 -9.06 -5.56
C GLU B 97 18.15 -9.05 -6.14
N LEU B 98 18.34 -8.33 -7.24
CA LEU B 98 19.64 -8.33 -7.89
C LEU B 98 20.60 -7.49 -7.09
N LEU B 99 20.13 -6.38 -6.57
CA LEU B 99 20.98 -5.51 -5.78
C LEU B 99 21.50 -6.23 -4.54
N VAL B 100 20.62 -6.95 -3.87
CA VAL B 100 21.00 -7.72 -2.71
C VAL B 100 22.02 -8.79 -3.05
N LEU B 101 21.78 -9.53 -4.14
CA LEU B 101 22.71 -10.55 -4.60
C LEU B 101 24.10 -9.95 -4.85
N MET B 102 24.14 -8.89 -5.66
CA MET B 102 25.36 -8.28 -6.10
C MET B 102 26.12 -7.68 -4.92
N GLU B 103 25.42 -6.98 -4.05
CA GLU B 103 26.11 -6.34 -2.93
C GLU B 103 26.52 -7.29 -1.81
N ASN B 104 25.73 -8.33 -1.56
CA ASN B 104 26.15 -9.41 -0.66
C ASN B 104 27.50 -9.96 -1.13
N GLU B 105 27.63 -10.21 -2.42
CA GLU B 105 28.88 -10.73 -2.93
C GLU B 105 30.01 -9.76 -2.69
N ARG B 106 29.75 -8.48 -2.88
CA ARG B 106 30.74 -7.49 -2.60
C ARG B 106 31.04 -7.33 -1.12
N THR B 107 30.06 -7.51 -0.26
CA THR B 107 30.32 -7.39 1.15
C THR B 107 31.28 -8.49 1.62
N LEU B 108 31.07 -9.72 1.16
CA LEU B 108 31.92 -10.83 1.56
C LEU B 108 33.39 -10.61 1.09
N ASP B 109 33.55 -10.30 -0.20
CA ASP B 109 34.84 -9.90 -0.77
C ASP B 109 35.48 -8.67 -0.04
N PHE B 110 34.66 -7.76 0.48
CA PHE B 110 35.16 -6.55 1.15
C PHE B 110 35.89 -6.99 2.43
N HIS B 111 35.22 -7.82 3.22
CA HIS B 111 35.81 -8.41 4.41
C HIS B 111 37.08 -9.18 4.11
N ASP B 112 37.08 -9.98 3.04
CA ASP B 112 38.24 -10.73 2.61
C ASP B 112 39.40 -9.77 2.35
N SER B 113 39.11 -8.70 1.63
CA SER B 113 40.09 -7.70 1.32
C SER B 113 40.65 -7.01 2.59
N ASN B 114 39.78 -6.69 3.53
CA ASN B 114 40.26 -6.11 4.77
C ASN B 114 41.22 -7.05 5.54
N VAL B 115 40.93 -8.35 5.56
CA VAL B 115 41.81 -9.31 6.22
C VAL B 115 43.17 -9.38 5.52
N LYS B 116 43.16 -9.53 4.20
CA LYS B 116 44.35 -9.57 3.40
C LYS B 116 45.22 -8.33 3.59
N ASN B 117 44.59 -7.15 3.61
CA ASN B 117 45.30 -5.90 3.81
C ASN B 117 45.94 -5.81 5.19
N LEU B 118 45.24 -6.31 6.20
CA LEU B 118 45.77 -6.30 7.57
C LEU B 118 46.95 -7.29 7.68
N TYR B 119 46.81 -8.45 7.03
CA TYR B 119 47.92 -9.39 6.96
C TYR B 119 49.16 -8.80 6.27
N ASP B 120 48.95 -8.07 5.18
CA ASP B 120 50.05 -7.47 4.45
C ASP B 120 50.69 -6.35 5.25
N LYS B 121 49.85 -5.53 5.88
CA LYS B 121 50.37 -4.47 6.72
C LYS B 121 51.33 -4.98 7.80
N VAL B 122 51.03 -6.15 8.34
CA VAL B 122 51.91 -6.80 9.29
C VAL B 122 53.15 -7.37 8.60
N ARG B 123 52.93 -8.10 7.52
CA ARG B 123 54.03 -8.65 6.74
C ARG B 123 55.06 -7.58 6.39
N LEU B 124 54.59 -6.43 5.90
CA LEU B 124 55.49 -5.36 5.46
C LEU B 124 56.30 -4.71 6.58
N GLN B 125 55.84 -4.86 7.83
CA GLN B 125 56.60 -4.41 9.01
C GLN B 125 57.70 -5.40 9.35
N LEU B 126 57.32 -6.65 9.49
CA LEU B 126 58.23 -7.70 9.94
C LEU B 126 59.33 -8.02 8.93
N ARG B 127 59.05 -7.85 7.65
CA ARG B 127 60.04 -8.11 6.58
C ARG B 127 60.76 -9.46 6.82
N ASP B 128 62.09 -9.49 6.90
CA ASP B 128 62.80 -10.77 7.10
C ASP B 128 63.15 -11.08 8.58
N ASN B 129 62.54 -10.36 9.52
CA ASN B 129 62.69 -10.68 10.95
C ASN B 129 61.71 -11.74 11.47
N ALA B 130 60.96 -12.40 10.58
CA ALA B 130 59.99 -13.41 10.97
C ALA B 130 59.74 -14.38 9.82
N LYS B 131 59.47 -15.65 10.12
CA LYS B 131 59.13 -16.64 9.10
C LYS B 131 57.65 -16.52 8.75
N GLU B 132 57.35 -16.41 7.46
CA GLU B 132 55.97 -16.41 7.02
C GLU B 132 55.51 -17.87 6.91
N LEU B 133 54.68 -18.30 7.84
CA LEU B 133 54.31 -19.71 7.95
C LEU B 133 53.37 -20.21 6.85
N GLY B 134 52.61 -19.30 6.23
CA GLY B 134 51.68 -19.67 5.17
C GLY B 134 50.24 -19.88 5.60
N ASN B 135 49.95 -19.62 6.88
CA ASN B 135 48.61 -19.86 7.45
C ASN B 135 48.00 -18.65 8.16
N GLY B 136 48.63 -17.49 7.99
CA GLY B 136 48.21 -16.27 8.65
C GLY B 136 49.17 -15.83 9.75
N CYS B 137 50.09 -16.72 10.11
CA CYS B 137 50.97 -16.50 11.24
C CYS B 137 52.39 -16.19 10.80
N PHE B 138 53.08 -15.46 11.67
CA PHE B 138 54.49 -15.15 11.52
C PHE B 138 55.24 -15.62 12.77
N GLU B 139 56.24 -16.47 12.59
CA GLU B 139 57.06 -16.94 13.68
C GLU B 139 58.33 -16.09 13.78
N PHE B 140 58.53 -15.48 14.92
CA PHE B 140 59.62 -14.51 15.07
C PHE B 140 60.98 -15.20 15.19
N TYR B 141 62.01 -14.54 14.68
CA TYR B 141 63.39 -15.05 14.81
C TYR B 141 63.91 -14.71 16.16
N HIS B 142 63.56 -13.52 16.64
CA HIS B 142 63.85 -13.11 18.01
C HIS B 142 62.70 -13.48 18.93
N LYS B 143 62.94 -13.47 20.22
CA LYS B 143 61.83 -13.53 21.18
C LYS B 143 61.04 -12.24 21.08
N CYS B 144 59.75 -12.33 21.38
CA CYS B 144 58.84 -11.21 21.17
C CYS B 144 57.81 -11.15 22.30
N ASP B 145 58.18 -10.47 23.38
CA ASP B 145 57.30 -10.34 24.55
C ASP B 145 56.06 -9.47 24.26
N ASN B 146 55.18 -9.31 25.26
CA ASN B 146 53.93 -8.58 25.05
C ASN B 146 54.12 -7.16 24.53
N GLU B 147 55.19 -6.52 24.95
CA GLU B 147 55.54 -5.18 24.45
C GLU B 147 55.95 -5.25 22.96
N CYS B 148 56.73 -6.25 22.60
CA CYS B 148 57.07 -6.51 21.20
C CYS B 148 55.80 -6.76 20.36
N MET B 149 54.94 -7.66 20.85
CA MET B 149 53.70 -7.98 20.17
C MET B 149 52.86 -6.73 19.96
N GLU B 150 52.74 -5.93 21.01
CA GLU B 150 51.95 -4.70 20.96
C GLU B 150 52.48 -3.74 19.90
N SER B 151 53.80 -3.72 19.70
CA SER B 151 54.40 -2.83 18.70
C SER B 151 54.06 -3.26 17.27
N VAL B 152 53.91 -4.57 17.07
CA VAL B 152 53.46 -5.09 15.77
C VAL B 152 52.01 -4.67 15.54
N ARG B 153 51.18 -4.76 16.58
CA ARG B 153 49.81 -4.27 16.49
C ARG B 153 49.72 -2.75 16.40
N ASN B 154 50.71 -2.06 16.96
CA ASN B 154 50.80 -0.59 16.89
C ASN B 154 50.93 -0.02 15.49
N GLY B 155 51.72 -0.70 14.66
CA GLY B 155 52.31 -0.10 13.46
C GLY B 155 53.76 0.31 13.71
N THR B 156 54.30 -0.09 14.86
CA THR B 156 55.52 0.47 15.41
C THR B 156 56.70 -0.50 15.44
N TYR B 157 56.48 -1.75 15.04
CA TYR B 157 57.54 -2.76 15.14
C TYR B 157 58.87 -2.23 14.64
N ASP B 158 59.79 -2.06 15.58
CA ASP B 158 61.08 -1.48 15.25
C ASP B 158 61.95 -2.57 14.64
N TYR B 159 62.08 -2.51 13.31
CA TYR B 159 62.77 -3.54 12.56
C TYR B 159 64.29 -3.46 12.77
N PRO B 160 64.89 -2.25 12.62
CA PRO B 160 66.33 -2.16 12.95
C PRO B 160 66.68 -2.51 14.41
N GLN B 161 65.72 -2.46 15.33
CA GLN B 161 65.98 -2.87 16.71
C GLN B 161 66.18 -4.39 16.79
N TYR B 162 65.29 -5.15 16.16
CA TYR B 162 65.44 -6.59 16.06
C TYR B 162 66.04 -6.94 14.70
C1 NAG C . -27.14 31.74 -7.16
C2 NAG C . -26.39 32.74 -6.26
C3 NAG C . -25.90 33.93 -7.07
C4 NAG C . -25.21 33.45 -8.35
C5 NAG C . -26.18 32.58 -9.16
C6 NAG C . -25.63 32.17 -10.55
C7 NAG C . -27.00 33.79 -4.03
C8 NAG C . -25.58 33.99 -3.58
N2 NAG C . -27.31 33.22 -5.22
O3 NAG C . -24.99 34.72 -6.33
O4 NAG C . -24.65 34.53 -9.08
O5 NAG C . -26.47 31.43 -8.38
O6 NAG C . -26.08 30.90 -10.98
O7 NAG C . -27.90 34.18 -3.25
C1 NAG C . -25.14 36.15 -6.52
C2 NAG C . -23.78 36.82 -6.36
C3 NAG C . -23.90 38.35 -6.45
C4 NAG C . -24.66 38.77 -7.71
C5 NAG C . -25.94 37.93 -7.89
C6 NAG C . -26.62 38.22 -9.24
C7 NAG C . -21.89 35.99 -5.02
C8 NAG C . -21.37 35.64 -3.65
N2 NAG C . -23.15 36.45 -5.11
O3 NAG C . -22.61 38.90 -6.48
O4 NAG C . -24.96 40.16 -7.63
O5 NAG C . -25.66 36.54 -7.78
O6 NAG C . -28.01 38.32 -9.07
O7 NAG C . -21.15 35.84 -6.00
C1 NAG D . 52.72 0.95 21.22
C2 NAG D . 53.02 2.42 21.58
C3 NAG D . 54.42 2.68 22.15
C4 NAG D . 54.91 1.53 23.01
C5 NAG D . 54.75 0.18 22.30
C6 NAG D . 55.13 -1.03 23.16
C7 NAG D . 51.63 3.56 19.88
C8 NAG D . 50.32 3.24 20.59
N2 NAG D . 52.81 3.19 20.38
O3 NAG D . 54.35 3.82 22.97
O4 NAG D . 56.22 1.80 23.51
O5 NAG D . 53.36 0.02 22.06
O6 NAG D . 54.09 -1.33 24.10
O7 NAG D . 51.58 4.19 18.83
C1 NAG D . 56.22 1.72 24.96
C2 NAG D . 57.64 1.90 25.50
C3 NAG D . 57.64 2.13 27.02
C4 NAG D . 56.52 3.06 27.52
C5 NAG D . 55.19 2.63 26.91
C6 NAG D . 54.04 3.55 27.34
C7 NAG D . 58.79 0.22 24.05
C8 NAG D . 59.64 -1.03 24.02
N2 NAG D . 58.45 0.71 25.26
O3 NAG D . 58.90 2.60 27.46
O4 NAG D . 56.46 3.01 28.93
O5 NAG D . 55.31 2.65 25.50
O6 NAG D . 54.06 4.73 26.57
O7 NAG D . 58.45 0.74 22.99
C1 NAG E . 19.03 -22.99 0.33
C2 NAG E . 18.72 -24.16 -0.61
C3 NAG E . 17.20 -24.38 -0.71
C4 NAG E . 16.53 -24.42 0.67
C5 NAG E . 16.88 -23.15 1.43
C6 NAG E . 16.12 -23.07 2.76
C7 NAG E . 20.30 -24.39 -2.51
C8 NAG E . 20.66 -23.89 -3.89
N2 NAG E . 19.23 -23.84 -1.93
O3 NAG E . 16.90 -25.57 -1.42
O4 NAG E . 15.11 -24.50 0.52
O5 NAG E . 18.31 -23.07 1.57
O6 NAG E . 16.94 -23.32 3.88
O7 NAG E . 21.00 -25.26 -2.00
N1 EPE F . 46.36 -20.55 13.41
C2 EPE F . 47.20 -21.46 14.21
C3 EPE F . 46.45 -22.80 14.13
N4 EPE F . 46.34 -23.00 12.68
C5 EPE F . 45.41 -22.15 11.98
C6 EPE F . 46.20 -20.84 12.00
C7 EPE F . 47.16 -23.86 11.87
C8 EPE F . 48.09 -24.79 12.66
O8 EPE F . 49.37 -24.78 12.01
C9 EPE F . 45.57 -19.45 13.94
C10 EPE F . 46.11 -18.90 15.23
S EPE F . 45.22 -19.48 16.53
O1S EPE F . 46.00 -19.20 17.76
O2S EPE F . 45.04 -20.95 16.43
O3S EPE F . 43.88 -18.82 16.67
#